data_9CSX
#
_entry.id   9CSX
#
_cell.length_a   80.841
_cell.length_b   72.003
_cell.length_c   54.495
_cell.angle_alpha   90.000
_cell.angle_beta   130.820
_cell.angle_gamma   90.000
#
_symmetry.space_group_name_H-M   'C 1 2 1'
#
loop_
_entity.id
_entity.type
_entity.pdbx_description
1 polymer Stromelysin-2
2 non-polymer IMIDAZOLE
3 non-polymer 'ACETIC ACID'
4 non-polymer 'CALCIUM ION'
5 non-polymer 'ZINC ION'
6 water water
#
_entity_poly.entity_id   1
_entity_poly.type   'polypeptide(L)'
_entity_poly.pdbx_seq_one_letter_code
;YPLSGAAKEEDSNKDLAQQYLEKYYNLEKDVKQFRRKDSNLIVKKIQGMQKFLGLEVTGKLDTDTLEVMRKPRCGVPDVG
HFSSFPGMPKWRKTHLTYRIVNYTPDLPRDAVDSAIEKALKVWEEVTPLTFSRLYEGEADIMISFAVKEHGDFYSFDGPG
HSLAHAYPPGPGLYGDIHFDDDEKWTEDASGTNLFLVAAHELGHSLGLFHSANTEALMYPLYNSFTELAQFRLSQDDVNG
IQSLYGPPPASTEEPLVPTKSVPSGSEMPAKCDP
;
_entity_poly.pdbx_strand_id   A
#
loop_
_chem_comp.id
_chem_comp.type
_chem_comp.name
_chem_comp.formula
ACY non-polymer 'ACETIC ACID' 'C2 H4 O2'
CA non-polymer 'CALCIUM ION' 'Ca 2'
IMD non-polymer IMIDAZOLE 'C3 H5 N2 1'
ZN non-polymer 'ZINC ION' 'Zn 2'
#
# COMPACT_ATOMS: atom_id res chain seq x y z
N GLU A 9 -13.33 0.39 -23.33
CA GLU A 9 -14.04 1.36 -24.16
C GLU A 9 -14.65 2.43 -23.25
N GLU A 10 -15.66 3.13 -23.75
CA GLU A 10 -16.10 4.39 -23.14
C GLU A 10 -17.01 4.14 -21.93
N ASP A 11 -18.02 3.29 -22.09
CA ASP A 11 -18.89 2.99 -20.96
C ASP A 11 -18.13 2.28 -19.85
N SER A 12 -17.19 1.40 -20.22
CA SER A 12 -16.39 0.74 -19.20
C SER A 12 -15.50 1.74 -18.48
N ASN A 13 -14.96 2.73 -19.21
CA ASN A 13 -14.23 3.80 -18.54
C ASN A 13 -15.09 4.42 -17.45
N LYS A 14 -16.38 4.64 -17.75
CA LYS A 14 -17.32 5.13 -16.74
C LYS A 14 -17.40 4.17 -15.56
N ASP A 15 -17.54 2.88 -15.83
CA ASP A 15 -17.65 1.91 -14.75
C ASP A 15 -16.35 1.81 -13.97
N LEU A 16 -15.22 1.90 -14.64
CA LEU A 16 -13.93 1.83 -13.97
C LEU A 16 -13.74 3.00 -13.03
N ALA A 17 -14.10 4.21 -13.47
CA ALA A 17 -13.95 5.37 -12.62
C ALA A 17 -14.82 5.27 -11.38
N GLN A 18 -16.08 4.85 -11.55
CA GLN A 18 -16.97 4.73 -10.40
C GLN A 18 -16.38 3.77 -9.39
N GLN A 19 -16.01 2.57 -9.83
CA GLN A 19 -15.44 1.58 -8.92
C GLN A 19 -14.14 2.08 -8.30
N TYR A 20 -13.33 2.80 -9.07
CA TYR A 20 -12.08 3.33 -8.53
C TYR A 20 -12.37 4.35 -7.43
N LEU A 21 -13.35 5.22 -7.66
CA LEU A 21 -13.60 6.32 -6.73
C LEU A 21 -14.26 5.82 -5.47
N GLU A 22 -15.06 4.79 -5.61
CA GLU A 22 -15.74 4.22 -4.45
C GLU A 22 -14.74 3.50 -3.56
N LYS A 23 -13.75 2.94 -4.21
CA LYS A 23 -12.75 2.11 -3.57
C LYS A 23 -11.75 2.95 -2.82
N TYR A 24 -11.26 4.03 -3.42
CA TYR A 24 -10.16 4.74 -2.84
C TYR A 24 -10.47 6.18 -2.45
N TYR A 25 -11.66 6.69 -2.79
CA TYR A 25 -11.99 8.07 -2.53
C TYR A 25 -13.37 8.21 -1.89
N ASN A 26 -13.87 7.11 -1.32
CA ASN A 26 -15.08 7.11 -0.52
C ASN A 26 -16.23 7.80 -1.26
N LEU A 27 -16.44 7.37 -2.51
CA LEU A 27 -17.46 8.02 -3.33
C LEU A 27 -18.86 7.77 -2.79
N GLU A 28 -19.16 6.54 -2.37
CA GLU A 28 -20.54 6.25 -1.99
C GLU A 28 -20.82 6.53 -0.52
N LYS A 29 -22.12 6.63 -0.23
CA LYS A 29 -22.64 7.16 1.02
C LYS A 29 -22.12 8.57 1.26
N LYS A 37 -29.79 14.03 -9.30
CA LYS A 37 -29.04 13.52 -8.15
C LYS A 37 -27.58 13.92 -8.33
N ASP A 38 -27.41 15.07 -8.98
CA ASP A 38 -26.15 15.80 -8.96
C ASP A 38 -25.02 15.03 -9.63
N SER A 39 -24.93 15.19 -10.95
CA SER A 39 -23.75 14.77 -11.69
C SER A 39 -22.49 15.42 -11.16
N ASN A 40 -22.61 16.52 -10.40
CA ASN A 40 -21.42 17.21 -9.92
C ASN A 40 -20.74 16.47 -8.78
N LEU A 41 -21.44 15.55 -8.13
CA LEU A 41 -20.85 14.79 -7.02
C LEU A 41 -19.70 13.93 -7.52
N ILE A 42 -19.89 13.23 -8.64
CA ILE A 42 -18.79 12.45 -9.20
C ILE A 42 -17.68 13.38 -9.68
N VAL A 43 -18.04 14.57 -10.18
CA VAL A 43 -17.02 15.49 -10.70
C VAL A 43 -16.08 15.93 -9.59
N LYS A 44 -16.64 16.25 -8.41
CA LYS A 44 -15.79 16.71 -7.31
C LYS A 44 -14.84 15.60 -6.85
N LYS A 45 -15.28 14.34 -6.89
CA LYS A 45 -14.39 13.24 -6.52
C LYS A 45 -13.28 13.04 -7.55
N ILE A 46 -13.62 13.12 -8.85
CA ILE A 46 -12.57 13.15 -9.88
C ILE A 46 -11.52 14.18 -9.52
N GLN A 47 -11.96 15.41 -9.29
CA GLN A 47 -11.05 16.50 -9.03
C GLN A 47 -10.17 16.21 -7.80
N GLY A 48 -10.76 15.64 -6.76
CA GLY A 48 -9.98 15.30 -5.59
C GLY A 48 -8.92 14.25 -5.88
N MET A 49 -9.29 13.23 -6.65
CA MET A 49 -8.33 12.20 -7.04
C MET A 49 -7.22 12.78 -7.91
N GLN A 50 -7.57 13.64 -8.86
CA GLN A 50 -6.57 14.23 -9.73
C GLN A 50 -5.58 15.07 -8.94
N LYS A 51 -6.08 15.89 -8.01
CA LYS A 51 -5.20 16.69 -7.18
C LYS A 51 -4.27 15.80 -6.36
N PHE A 52 -4.83 14.78 -5.72
CA PHE A 52 -3.99 13.94 -4.87
C PHE A 52 -2.93 13.20 -5.67
N LEU A 53 -3.32 12.60 -6.79
CA LEU A 53 -2.37 11.78 -7.53
C LEU A 53 -1.48 12.57 -8.49
N GLY A 54 -1.66 13.89 -8.59
CA GLY A 54 -0.76 14.71 -9.37
C GLY A 54 -1.14 14.89 -10.82
N LEU A 55 -2.41 14.73 -11.15
CA LEU A 55 -2.93 14.90 -12.49
C LEU A 55 -3.44 16.31 -12.64
N GLU A 56 -3.50 16.78 -13.90
CA GLU A 56 -4.19 18.04 -14.16
C GLU A 56 -5.64 17.93 -13.69
N VAL A 57 -6.09 18.94 -12.93
CA VAL A 57 -7.42 18.91 -12.30
C VAL A 57 -8.42 19.43 -13.33
N THR A 58 -8.95 18.52 -14.15
CA THR A 58 -9.99 18.83 -15.11
C THR A 58 -11.38 18.42 -14.67
N GLY A 59 -11.50 17.53 -13.69
CA GLY A 59 -12.78 16.96 -13.35
C GLY A 59 -13.36 16.07 -14.42
N LYS A 60 -12.61 15.80 -15.49
CA LYS A 60 -13.04 14.94 -16.57
C LYS A 60 -12.32 13.61 -16.50
N LEU A 61 -12.96 12.58 -17.05
CA LEU A 61 -12.36 11.26 -17.15
C LEU A 61 -11.52 11.20 -18.44
N ASP A 62 -10.45 11.99 -18.42
CA ASP A 62 -9.56 12.14 -19.56
C ASP A 62 -8.53 11.02 -19.59
N THR A 63 -7.76 10.98 -20.68
CA THR A 63 -6.91 9.84 -20.96
C THR A 63 -5.89 9.60 -19.85
N ASP A 64 -5.31 10.68 -19.32
CA ASP A 64 -4.34 10.52 -18.25
C ASP A 64 -4.99 9.96 -17.00
N THR A 65 -6.16 10.48 -16.63
CA THR A 65 -6.86 10.01 -15.44
C THR A 65 -7.16 8.52 -15.54
N LEU A 66 -7.69 8.10 -16.68
CA LEU A 66 -8.05 6.70 -16.86
C LEU A 66 -6.83 5.79 -16.90
N GLU A 67 -5.70 6.29 -17.41
CA GLU A 67 -4.50 5.47 -17.35
C GLU A 67 -4.09 5.24 -15.91
N VAL A 68 -4.10 6.30 -15.09
CA VAL A 68 -3.76 6.14 -13.70
C VAL A 68 -4.71 5.14 -13.05
N MET A 69 -6.02 5.22 -13.37
CA MET A 69 -6.95 4.33 -12.72
C MET A 69 -6.74 2.88 -13.13
N ARG A 70 -6.07 2.65 -14.25
CA ARG A 70 -5.85 1.28 -14.69
C ARG A 70 -4.61 0.66 -14.09
N LYS A 71 -3.76 1.47 -13.44
CA LYS A 71 -2.43 1.05 -12.99
C LYS A 71 -2.50 0.34 -11.66
N PRO A 72 -1.62 -0.65 -11.44
CA PRO A 72 -1.61 -1.35 -10.16
C PRO A 72 -1.12 -0.45 -9.04
N ARG A 73 -1.65 -0.70 -7.85
CA ARG A 73 -1.47 0.23 -6.75
C ARG A 73 -1.83 -0.44 -5.43
N CYS A 74 -1.53 0.24 -4.34
CA CYS A 74 -1.91 -0.22 -3.01
C CYS A 74 -3.42 -0.16 -2.81
N GLY A 75 -3.95 -1.13 -2.06
CA GLY A 75 -5.37 -1.21 -1.85
C GLY A 75 -5.91 -0.28 -0.79
N VAL A 76 -5.04 0.32 0.02
CA VAL A 76 -5.52 1.25 1.05
C VAL A 76 -6.08 2.48 0.37
N PRO A 77 -7.19 3.06 0.87
CA PRO A 77 -7.75 4.26 0.23
C PRO A 77 -6.80 5.44 0.31
N ASP A 78 -7.12 6.46 -0.48
CA ASP A 78 -6.34 7.69 -0.50
C ASP A 78 -6.95 8.80 0.36
N VAL A 79 -8.20 8.65 0.77
CA VAL A 79 -8.89 9.62 1.60
C VAL A 79 -9.11 8.99 2.96
N GLY A 80 -9.06 9.83 3.99
CA GLY A 80 -9.24 9.33 5.34
C GLY A 80 -7.93 9.06 6.06
N HIS A 81 -7.85 9.56 7.29
CA HIS A 81 -6.71 9.35 8.16
C HIS A 81 -7.15 9.09 9.57
N PHE A 82 -8.42 9.40 9.91
CA PHE A 82 -9.00 9.10 11.21
C PHE A 82 -7.82 9.34 12.14
N PHE A 85 -11.32 4.46 17.37
CA PHE A 85 -10.03 3.89 16.98
C PHE A 85 -9.56 2.95 18.09
N PRO A 86 -9.89 1.66 18.01
CA PRO A 86 -9.17 0.68 18.83
C PRO A 86 -7.66 0.70 18.61
N GLY A 87 -7.19 1.33 17.54
CA GLY A 87 -5.78 1.41 17.25
C GLY A 87 -5.14 2.71 17.70
N MET A 88 -4.03 3.06 17.02
CA MET A 88 -3.15 4.11 17.52
C MET A 88 -2.37 4.75 16.37
N PRO A 89 -1.96 6.01 16.53
CA PRO A 89 -1.18 6.68 15.46
C PRO A 89 0.28 6.23 15.36
N LYS A 90 0.86 5.68 16.43
CA LYS A 90 2.20 5.13 16.40
C LYS A 90 2.28 3.97 17.40
N TRP A 91 3.23 3.07 17.17
CA TRP A 91 3.56 2.06 18.17
C TRP A 91 4.13 2.75 19.41
N ARG A 92 3.71 2.34 20.62
CA ARG A 92 4.38 2.85 21.83
C ARG A 92 5.64 2.10 22.21
N LYS A 93 5.75 0.82 21.88
CA LYS A 93 6.99 0.09 22.09
C LYS A 93 7.98 0.41 20.99
N THR A 94 9.26 0.23 21.29
CA THR A 94 10.32 0.42 20.31
C THR A 94 10.72 -0.88 19.62
N HIS A 95 10.51 -2.00 20.30
CA HIS A 95 10.86 -3.34 19.83
C HIS A 95 9.62 -4.05 19.33
N LEU A 96 9.53 -4.21 18.01
CA LEU A 96 8.37 -4.76 17.34
C LEU A 96 8.70 -6.15 16.82
N THR A 97 7.69 -7.00 16.71
CA THR A 97 7.88 -8.34 16.15
C THR A 97 7.08 -8.49 14.87
N TYR A 98 7.56 -9.39 13.99
CA TYR A 98 6.85 -9.70 12.76
C TYR A 98 6.91 -11.20 12.52
N ARG A 99 5.97 -11.67 11.69
CA ARG A 99 5.90 -13.09 11.33
C ARG A 99 5.42 -13.24 9.89
N ILE A 100 6.17 -14.02 9.11
CA ILE A 100 5.76 -14.40 7.75
C ILE A 100 4.91 -15.67 7.88
N VAL A 101 3.59 -15.50 7.75
CA VAL A 101 2.66 -16.58 8.11
C VAL A 101 2.62 -17.63 7.01
N ASN A 102 2.65 -17.20 5.76
CA ASN A 102 2.68 -18.09 4.61
C ASN A 102 3.45 -17.40 3.49
N TYR A 103 3.68 -18.15 2.43
CA TYR A 103 4.59 -17.76 1.37
C TYR A 103 3.90 -17.88 0.00
N THR A 104 4.24 -16.97 -0.92
CA THR A 104 3.78 -17.11 -2.28
C THR A 104 4.56 -18.25 -2.94
N PRO A 105 3.92 -19.03 -3.82
CA PRO A 105 4.66 -20.02 -4.60
C PRO A 105 5.50 -19.40 -5.71
N ASP A 106 5.39 -18.09 -5.93
CA ASP A 106 6.10 -17.43 -7.01
C ASP A 106 7.61 -17.35 -6.77
N LEU A 107 8.04 -17.44 -5.53
CA LEU A 107 9.40 -17.16 -5.16
C LEU A 107 9.92 -18.18 -4.17
N PRO A 108 11.22 -18.43 -4.14
CA PRO A 108 11.79 -19.34 -3.12
C PRO A 108 11.63 -18.77 -1.72
N ARG A 109 11.60 -19.66 -0.72
CA ARG A 109 11.43 -19.18 0.64
C ARG A 109 12.46 -18.10 0.98
N ASP A 110 13.74 -18.30 0.68
CA ASP A 110 14.73 -17.30 1.11
C ASP A 110 14.53 -15.96 0.41
N ALA A 111 13.99 -15.96 -0.81
CA ALA A 111 13.76 -14.72 -1.51
C ALA A 111 12.67 -13.92 -0.83
N VAL A 112 11.60 -14.58 -0.40
CA VAL A 112 10.56 -13.87 0.35
C VAL A 112 11.13 -13.34 1.66
N ASP A 113 11.83 -14.20 2.40
CA ASP A 113 12.46 -13.75 3.63
C ASP A 113 13.39 -12.57 3.37
N SER A 114 14.22 -12.66 2.32
CA SER A 114 15.18 -11.59 2.06
C SER A 114 14.46 -10.29 1.72
N ALA A 115 13.39 -10.38 0.95
CA ALA A 115 12.65 -9.17 0.57
C ALA A 115 12.06 -8.48 1.79
N ILE A 116 11.47 -9.24 2.71
CA ILE A 116 10.86 -8.62 3.89
C ILE A 116 11.94 -8.03 4.80
N GLU A 117 13.07 -8.72 4.95
CA GLU A 117 14.16 -8.22 5.79
C GLU A 117 14.69 -6.89 5.27
N LYS A 118 14.88 -6.78 3.95
CA LYS A 118 15.39 -5.55 3.38
C LYS A 118 14.37 -4.42 3.51
N ALA A 119 13.08 -4.72 3.32
CA ALA A 119 12.05 -3.71 3.52
C ALA A 119 12.03 -3.24 4.96
N LEU A 120 12.18 -4.16 5.92
CA LEU A 120 12.27 -3.75 7.32
C LEU A 120 13.48 -2.84 7.57
N LYS A 121 14.60 -3.13 6.89
CA LYS A 121 15.81 -2.35 7.13
C LYS A 121 15.64 -0.92 6.62
N VAL A 122 14.82 -0.73 5.58
CA VAL A 122 14.54 0.61 5.07
C VAL A 122 14.08 1.52 6.21
N TRP A 123 13.19 1.02 7.07
CA TRP A 123 12.62 1.81 8.14
C TRP A 123 13.48 1.81 9.38
N GLU A 124 14.18 0.70 9.65
CA GLU A 124 15.12 0.70 10.77
C GLU A 124 16.16 1.80 10.63
N GLU A 125 16.58 2.07 9.39
CA GLU A 125 17.64 3.03 9.14
C GLU A 125 17.24 4.45 9.51
N VAL A 126 15.95 4.73 9.70
CA VAL A 126 15.53 6.12 9.92
C VAL A 126 14.65 6.25 11.15
N THR A 127 14.56 5.21 11.97
CA THR A 127 13.77 5.23 13.18
C THR A 127 14.52 4.52 14.30
N PRO A 128 14.14 4.75 15.56
CA PRO A 128 14.67 3.95 16.66
C PRO A 128 14.04 2.57 16.77
N LEU A 129 13.18 2.20 15.83
CA LEU A 129 12.49 0.91 15.90
C LEU A 129 13.45 -0.22 15.56
N THR A 130 13.27 -1.35 16.25
CA THR A 130 13.92 -2.61 15.89
C THR A 130 12.86 -3.68 15.71
N PHE A 131 13.22 -4.73 14.97
CA PHE A 131 12.29 -5.76 14.57
C PHE A 131 12.88 -7.13 14.85
N SER A 132 12.08 -8.01 15.44
CA SER A 132 12.46 -9.39 15.71
C SER A 132 11.49 -10.32 14.98
N ARG A 133 12.00 -11.44 14.47
CA ARG A 133 11.16 -12.40 13.75
C ARG A 133 10.62 -13.49 14.68
N LEU A 134 9.34 -13.80 14.53
CA LEU A 134 8.73 -14.93 15.20
C LEU A 134 8.21 -15.90 14.14
N TYR A 135 8.27 -17.19 14.43
CA TYR A 135 7.80 -18.22 13.50
C TYR A 135 6.49 -18.85 13.94
N GLU A 136 6.01 -18.53 15.14
CA GLU A 136 4.81 -19.13 15.69
C GLU A 136 4.12 -18.10 16.57
N GLY A 137 2.81 -18.23 16.68
CA GLY A 137 2.10 -17.38 17.61
C GLY A 137 1.97 -15.94 17.12
N GLU A 138 1.61 -15.07 18.06
CA GLU A 138 1.24 -13.70 17.77
C GLU A 138 2.48 -12.82 17.62
N ALA A 139 2.65 -12.25 16.42
CA ALA A 139 3.60 -11.16 16.19
C ALA A 139 2.82 -9.89 15.88
N ASP A 140 3.45 -8.74 16.17
CA ASP A 140 2.79 -7.45 15.91
C ASP A 140 2.42 -7.31 14.44
N ILE A 141 3.40 -7.52 13.55
CA ILE A 141 3.20 -7.39 12.11
C ILE A 141 3.08 -8.81 11.56
N MET A 142 1.84 -9.26 11.38
CA MET A 142 1.57 -10.55 10.73
C MET A 142 1.49 -10.35 9.22
N ILE A 143 2.29 -11.11 8.48
CA ILE A 143 2.49 -10.91 7.04
C ILE A 143 2.04 -12.16 6.31
N SER A 144 1.16 -12.00 5.33
CA SER A 144 0.67 -13.16 4.60
C SER A 144 0.29 -12.83 3.16
N PHE A 145 0.02 -13.89 2.39
CA PHE A 145 -0.36 -13.86 0.99
C PHE A 145 -1.74 -14.47 0.87
N ALA A 146 -2.60 -13.87 0.06
CA ALA A 146 -3.97 -14.36 -0.07
C ALA A 146 -4.58 -13.89 -1.37
N VAL A 147 -5.67 -14.56 -1.76
CA VAL A 147 -6.42 -14.18 -2.95
C VAL A 147 -7.88 -13.95 -2.57
N LYS A 148 -8.53 -13.05 -3.31
CA LYS A 148 -9.97 -12.83 -3.17
C LYS A 148 -10.32 -12.64 -1.69
N GLU A 149 -11.38 -13.26 -1.20
CA GLU A 149 -11.77 -13.06 0.20
C GLU A 149 -10.88 -13.87 1.13
N HIS A 150 -10.44 -13.27 2.23
CA HIS A 150 -9.47 -13.91 3.12
C HIS A 150 -9.64 -13.45 4.57
N GLY A 151 -10.87 -13.18 4.98
CA GLY A 151 -11.15 -12.99 6.38
C GLY A 151 -10.99 -11.59 6.94
N ASP A 152 -10.92 -10.56 6.11
CA ASP A 152 -10.98 -9.20 6.66
C ASP A 152 -12.03 -8.44 5.85
N PHE A 153 -11.92 -7.13 5.81
CA PHE A 153 -12.94 -6.33 5.15
C PHE A 153 -12.59 -5.97 3.72
N TYR A 154 -11.41 -6.34 3.24
CA TYR A 154 -10.97 -5.95 1.90
C TYR A 154 -10.61 -7.20 1.12
N SER A 155 -11.55 -7.74 0.37
CA SER A 155 -11.24 -8.83 -0.54
CA SER A 155 -11.22 -8.85 -0.53
C SER A 155 -10.28 -8.35 -1.61
N PHE A 156 -9.34 -9.18 -1.99
CA PHE A 156 -8.47 -8.85 -3.11
C PHE A 156 -9.22 -9.03 -4.41
N ASP A 157 -8.61 -8.57 -5.52
CA ASP A 157 -9.38 -8.35 -6.74
C ASP A 157 -8.79 -9.02 -7.98
N GLY A 158 -7.96 -10.04 -7.82
CA GLY A 158 -7.36 -10.69 -8.95
C GLY A 158 -6.14 -9.96 -9.47
N PRO A 159 -5.64 -10.38 -10.64
CA PRO A 159 -4.39 -9.80 -11.15
C PRO A 159 -4.51 -8.30 -11.40
N GLY A 160 -3.47 -7.58 -10.99
CA GLY A 160 -3.42 -6.14 -11.20
C GLY A 160 -4.23 -5.39 -10.16
N HIS A 161 -4.43 -4.10 -10.44
CA HIS A 161 -5.20 -3.24 -9.53
C HIS A 161 -4.62 -3.27 -8.13
N SER A 162 -5.42 -3.61 -7.11
CA SER A 162 -4.86 -3.65 -5.77
C SER A 162 -3.85 -4.79 -5.67
N LEU A 163 -2.65 -4.44 -5.20
CA LEU A 163 -1.56 -5.40 -5.04
C LEU A 163 -1.42 -5.94 -3.62
N ALA A 164 -1.89 -5.19 -2.62
CA ALA A 164 -1.57 -5.43 -1.21
C ALA A 164 -2.33 -4.40 -0.39
N HIS A 165 -2.42 -4.63 0.93
CA HIS A 165 -2.85 -3.59 1.86
C HIS A 165 -2.30 -3.92 3.25
N ALA A 166 -2.39 -2.95 4.15
CA ALA A 166 -1.79 -3.03 5.47
C ALA A 166 -2.56 -2.06 6.36
N TYR A 167 -2.50 -2.33 7.66
CA TYR A 167 -3.27 -1.58 8.64
C TYR A 167 -2.40 -0.85 9.63
N PRO A 168 -2.88 0.27 10.17
CA PRO A 168 -2.03 1.10 11.04
C PRO A 168 -1.79 0.42 12.38
N PRO A 169 -0.98 1.04 13.23
CA PRO A 169 -0.59 0.38 14.49
C PRO A 169 -1.77 0.13 15.41
N GLY A 170 -1.61 -0.90 16.25
CA GLY A 170 -2.66 -1.34 17.16
C GLY A 170 -2.61 -2.84 17.31
N PRO A 171 -3.47 -3.39 18.16
CA PRO A 171 -3.46 -4.84 18.42
C PRO A 171 -4.23 -5.60 17.34
N GLY A 172 -3.96 -6.90 17.29
CA GLY A 172 -4.75 -7.77 16.44
C GLY A 172 -4.42 -7.59 14.95
N LEU A 173 -5.46 -7.37 14.14
CA LEU A 173 -5.25 -7.21 12.71
C LEU A 173 -4.54 -5.90 12.39
N TYR A 174 -4.58 -4.93 13.30
CA TYR A 174 -3.75 -3.73 13.14
C TYR A 174 -2.29 -4.11 12.91
N GLY A 175 -1.63 -3.32 12.08
CA GLY A 175 -0.23 -3.51 11.74
C GLY A 175 0.04 -4.62 10.76
N ASP A 176 -0.95 -5.43 10.41
CA ASP A 176 -0.73 -6.59 9.57
C ASP A 176 -0.59 -6.19 8.11
N ILE A 177 0.01 -7.08 7.31
CA ILE A 177 0.26 -6.83 5.90
C ILE A 177 -0.22 -8.02 5.09
N HIS A 178 -1.05 -7.76 4.08
CA HIS A 178 -1.50 -8.81 3.19
C HIS A 178 -1.11 -8.49 1.74
N PHE A 179 -0.51 -9.47 1.06
CA PHE A 179 -0.14 -9.36 -0.34
C PHE A 179 -1.14 -10.17 -1.17
N ASP A 180 -1.60 -9.59 -2.29
CA ASP A 180 -2.49 -10.28 -3.21
C ASP A 180 -1.70 -11.33 -3.98
N ASP A 181 -2.03 -12.62 -3.80
CA ASP A 181 -1.25 -13.65 -4.46
C ASP A 181 -1.74 -13.95 -5.88
N ASP A 182 -2.65 -13.14 -6.42
CA ASP A 182 -2.90 -13.14 -7.86
C ASP A 182 -1.94 -12.23 -8.63
N GLU A 183 -1.06 -11.53 -7.94
CA GLU A 183 0.05 -10.88 -8.61
C GLU A 183 1.17 -11.89 -8.81
N LYS A 184 2.06 -11.60 -9.75
CA LYS A 184 3.28 -12.39 -9.93
C LYS A 184 4.43 -11.66 -9.21
N TRP A 185 4.81 -12.18 -8.04
CA TRP A 185 5.80 -11.50 -7.21
C TRP A 185 7.21 -11.87 -7.65
N THR A 186 8.04 -10.86 -7.84
CA THR A 186 9.39 -11.06 -8.36
C THR A 186 10.43 -10.46 -7.41
N GLU A 187 11.68 -10.86 -7.63
CA GLU A 187 12.81 -10.42 -6.83
C GLU A 187 13.55 -9.25 -7.46
N ASP A 188 13.29 -8.94 -8.71
CA ASP A 188 13.88 -7.82 -9.42
C ASP A 188 12.79 -6.85 -9.87
N ALA A 189 13.20 -5.73 -10.46
CA ALA A 189 12.26 -4.73 -11.01
C ALA A 189 11.49 -5.24 -12.22
N SER A 190 11.70 -6.51 -12.51
CA SER A 190 11.13 -7.19 -13.67
C SER A 190 9.84 -7.90 -13.29
N GLY A 191 8.87 -7.13 -12.82
CA GLY A 191 7.60 -7.67 -12.39
C GLY A 191 7.04 -6.82 -11.26
N THR A 192 6.18 -7.44 -10.45
CA THR A 192 5.73 -6.81 -9.21
C THR A 192 6.75 -7.16 -8.12
N ASN A 193 7.63 -6.22 -7.81
CA ASN A 193 8.71 -6.46 -6.87
C ASN A 193 8.18 -6.56 -5.45
N LEU A 194 8.47 -7.69 -4.80
CA LEU A 194 7.95 -7.90 -3.45
C LEU A 194 8.58 -6.93 -2.47
N PHE A 195 9.89 -6.67 -2.62
CA PHE A 195 10.57 -5.80 -1.67
C PHE A 195 9.95 -4.41 -1.68
N LEU A 196 9.73 -3.83 -2.86
CA LEU A 196 9.18 -2.48 -2.94
C LEU A 196 7.79 -2.41 -2.33
N VAL A 197 6.92 -3.35 -2.67
CA VAL A 197 5.56 -3.31 -2.11
C VAL A 197 5.62 -3.50 -0.59
N ALA A 198 6.44 -4.46 -0.14
CA ALA A 198 6.58 -4.69 1.30
C ALA A 198 7.04 -3.42 2.03
N ALA A 199 7.96 -2.67 1.43
CA ALA A 199 8.46 -1.45 2.09
C ALA A 199 7.35 -0.41 2.22
N HIS A 200 6.56 -0.24 1.17
CA HIS A 200 5.40 0.65 1.22
C HIS A 200 4.40 0.20 2.26
N GLU A 201 4.06 -1.08 2.26
CA GLU A 201 3.04 -1.57 3.20
C GLU A 201 3.53 -1.47 4.65
N LEU A 202 4.83 -1.65 4.89
CA LEU A 202 5.33 -1.42 6.25
C LEU A 202 5.13 0.03 6.68
N GLY A 203 5.20 0.98 5.75
CA GLY A 203 4.86 2.35 6.07
C GLY A 203 3.51 2.48 6.75
N HIS A 204 2.49 1.83 6.18
CA HIS A 204 1.18 1.80 6.82
C HIS A 204 1.28 1.18 8.21
N SER A 205 1.95 0.03 8.30
CA SER A 205 2.06 -0.67 9.57
C SER A 205 2.61 0.21 10.68
N LEU A 206 3.46 1.18 10.34
CA LEU A 206 4.10 2.04 11.31
C LEU A 206 3.34 3.34 11.54
N GLY A 207 2.29 3.58 10.77
CA GLY A 207 1.43 4.74 10.98
C GLY A 207 1.40 5.79 9.87
N LEU A 208 2.02 5.55 8.73
CA LEU A 208 2.04 6.50 7.63
C LEU A 208 0.83 6.29 6.72
N PHE A 209 0.39 7.38 6.08
CA PHE A 209 -0.68 7.37 5.08
C PHE A 209 -0.08 7.67 3.72
N HIS A 210 -0.91 7.61 2.69
CA HIS A 210 -0.41 7.80 1.34
C HIS A 210 0.04 9.23 1.11
N SER A 211 1.06 9.37 0.26
CA SER A 211 1.65 10.65 -0.08
C SER A 211 1.20 11.09 -1.47
N ALA A 212 1.13 12.40 -1.66
CA ALA A 212 0.86 12.97 -2.98
C ALA A 212 2.13 13.19 -3.80
N ASN A 213 3.29 12.89 -3.22
CA ASN A 213 4.58 12.99 -3.91
C ASN A 213 4.78 11.75 -4.76
N THR A 214 4.76 11.92 -6.09
CA THR A 214 4.93 10.79 -6.98
C THR A 214 6.25 10.07 -6.76
N GLU A 215 7.27 10.75 -6.22
CA GLU A 215 8.54 10.10 -5.98
C GLU A 215 8.61 9.36 -4.66
N ALA A 216 7.62 9.53 -3.78
CA ALA A 216 7.69 8.95 -2.45
C ALA A 216 7.32 7.48 -2.45
N LEU A 217 7.96 6.71 -1.57
CA LEU A 217 7.57 5.31 -1.41
C LEU A 217 6.09 5.22 -1.07
N MET A 218 5.56 6.16 -0.29
CA MET A 218 4.20 6.05 0.18
C MET A 218 3.18 6.57 -0.83
N TYR A 219 3.65 6.99 -2.01
CA TYR A 219 2.73 7.27 -3.09
C TYR A 219 1.97 5.98 -3.38
N PRO A 220 0.70 6.06 -3.75
CA PRO A 220 -0.11 4.83 -3.79
C PRO A 220 0.10 3.93 -5.00
N LEU A 221 0.50 4.47 -6.15
CA LEU A 221 0.70 3.63 -7.32
C LEU A 221 2.04 2.89 -7.26
N TYR A 222 2.05 1.67 -7.77
CA TYR A 222 3.29 0.92 -7.84
C TYR A 222 4.26 1.58 -8.82
N ASN A 223 5.52 1.68 -8.42
CA ASN A 223 6.57 2.34 -9.20
C ASN A 223 7.37 1.26 -9.91
N SER A 224 7.08 1.03 -11.19
CA SER A 224 7.69 -0.05 -11.95
C SER A 224 8.88 0.40 -12.78
N PHE A 225 9.23 1.68 -12.72
CA PHE A 225 10.33 2.26 -13.49
C PHE A 225 11.52 2.63 -12.61
N THR A 226 11.78 1.82 -11.59
CA THR A 226 12.80 2.12 -10.61
C THR A 226 13.84 1.01 -10.55
N GLU A 227 15.09 1.41 -10.69
CA GLU A 227 16.21 0.50 -10.49
C GLU A 227 16.40 0.29 -8.99
N LEU A 228 16.39 -0.98 -8.56
CA LEU A 228 16.43 -1.29 -7.14
C LEU A 228 17.71 -0.77 -6.49
N ALA A 229 18.82 -0.82 -7.23
CA ALA A 229 20.07 -0.27 -6.71
C ALA A 229 19.93 1.20 -6.35
N GLN A 230 19.08 1.93 -7.07
CA GLN A 230 18.90 3.36 -6.86
C GLN A 230 17.71 3.68 -5.97
N PHE A 231 17.06 2.68 -5.40
CA PHE A 231 15.92 2.99 -4.55
C PHE A 231 16.34 3.76 -3.30
N ARG A 232 15.56 4.79 -2.95
CA ARG A 232 15.80 5.48 -1.69
C ARG A 232 14.47 6.13 -1.26
N LEU A 233 14.31 6.23 0.05
CA LEU A 233 13.17 6.95 0.63
C LEU A 233 13.22 8.42 0.23
N SER A 234 12.06 8.99 -0.05
CA SER A 234 12.02 10.42 -0.34
C SER A 234 12.10 11.21 0.96
N GLN A 235 12.47 12.48 0.82
CA GLN A 235 12.47 13.36 2.00
C GLN A 235 11.08 13.41 2.63
N ASP A 236 10.02 13.28 1.83
CA ASP A 236 8.67 13.23 2.38
C ASP A 236 8.48 11.99 3.24
N ASP A 237 8.97 10.83 2.77
CA ASP A 237 8.85 9.62 3.58
C ASP A 237 9.63 9.76 4.90
N VAL A 238 10.84 10.32 4.84
CA VAL A 238 11.64 10.45 6.05
C VAL A 238 11.00 11.45 7.02
N ASN A 239 10.53 12.59 6.51
CA ASN A 239 9.91 13.57 7.40
C ASN A 239 8.67 12.97 8.06
N GLY A 240 7.91 12.15 7.31
CA GLY A 240 6.70 11.57 7.85
C GLY A 240 6.97 10.59 8.98
N ILE A 241 7.89 9.66 8.75
CA ILE A 241 8.16 8.66 9.78
C ILE A 241 8.85 9.29 10.98
N GLN A 242 9.72 10.28 10.75
CA GLN A 242 10.38 10.91 11.89
C GLN A 242 9.46 11.85 12.66
N SER A 243 8.37 12.33 12.03
CA SER A 243 7.38 13.07 12.81
C SER A 243 6.69 12.18 13.82
N LEU A 244 6.65 10.88 13.58
CA LEU A 244 6.01 9.94 14.49
C LEU A 244 6.98 9.39 15.53
N TYR A 245 8.20 9.05 15.14
CA TYR A 245 9.11 8.29 15.99
C TYR A 245 10.36 9.04 16.40
N GLY A 246 10.55 10.26 15.91
CA GLY A 246 11.69 11.07 16.31
C GLY A 246 13.02 10.49 15.88
N1 IMD B . -3.58 -11.45 14.87
C2 IMD B . -4.14 -12.64 14.55
N3 IMD B . -4.27 -12.70 13.22
C4 IMD B . -3.81 -11.56 12.68
C5 IMD B . -3.37 -10.77 13.72
HN1 IMD B . -3.35 -11.14 15.78
H2 IMD B . -4.41 -13.32 15.19
HN3 IMD B . -4.65 -13.46 12.72
H4 IMD B . -3.78 -11.34 11.73
H5 IMD B . -2.99 -9.87 13.65
N1 IMD C . 1.17 5.31 -21.63
C2 IMD C . 2.38 4.76 -21.41
N3 IMD C . 2.59 3.81 -22.34
C4 IMD C . 1.52 3.76 -23.15
C5 IMD C . 0.63 4.71 -22.71
HN1 IMD C . 0.77 6.03 -21.11
H2 IMD C . 3.00 5.00 -20.69
HN3 IMD C . 3.39 3.24 -22.41
H4 IMD C . 1.40 3.15 -23.92
H5 IMD C . -0.24 4.90 -23.10
C ACY D . 14.29 12.45 -6.83
O ACY D . 15.16 12.32 -7.77
OXT ACY D . 13.12 12.01 -6.79
CH3 ACY D . 14.73 13.21 -5.63
H1 ACY D . 14.91 14.12 -5.88
H2 ACY D . 15.52 12.79 -5.26
H3 ACY D . 14.02 13.19 -4.96
CA CA E . -1.06 -7.12 14.22
CA CA F . -4.89 -7.52 -7.39
CA CA G . 1.05 -15.32 -7.30
CA CA H . 18.85 -20.54 2.47
ZN ZN I . -6.41 -8.46 3.80
ZN ZN J . -0.57 2.08 0.57
ZN ZN K . -4.06 -12.54 16.87
ZN ZN L . 1.81 6.40 -19.47
#